data_7D42
#
_entry.id   7D42
#
_cell.length_a   158.539
_cell.length_b   158.539
_cell.length_c   158.539
_cell.angle_alpha   90.000
_cell.angle_beta   90.000
_cell.angle_gamma   90.000
#
_symmetry.space_group_name_H-M   'F 2 3'
#
loop_
_entity.id
_entity.type
_entity.pdbx_description
1 polymer 'Bile acid receptor'
2 polymer 'Peptide from Nuclear receptor coactivator 2'
3 non-polymer Tropifexor
#
loop_
_entity_poly.entity_id
_entity_poly.type
_entity_poly.pdbx_seq_one_letter_code
_entity_poly.pdbx_strand_id
1 'polypeptide(L)'
;MGSSHHHHHHSSGLEVLFQGPELTPDQQTLLHFIMDSYNKQRMPQEITNKILKEEFSAEENFLILTEMATNHVQVLVEFT
KKLPGFQTLDHEDQIALLKGSAVEAMFLRSAEIFNKKLPSGHSDLLEERIRNSGISDEYITPMFSFYKSIGELKMTQEEY
ALLTAIVILSPDRQYIKDREAVEKLQEPLLDVLQKLCKIHQPENPQHFACLLGRLTELRTFNHHHAEMLMSWRVNDHKFT
PLLCEIWD
;
A
2 'polypeptide(L)' KENALLRYLLDKDD B
#
loop_
_chem_comp.id
_chem_comp.type
_chem_comp.name
_chem_comp.formula
GWF non-polymer Tropifexor 'C29 H25 F4 N3 O5 S'
#
# COMPACT_ATOMS: atom_id res chain seq x y z
N LEU A 23 -11.13 4.27 23.13
CA LEU A 23 -12.08 3.59 23.99
C LEU A 23 -12.07 2.08 23.77
N THR A 24 -12.73 1.37 24.70
CA THR A 24 -12.96 -0.07 24.64
C THR A 24 -11.63 -0.82 24.75
N PRO A 25 -11.60 -1.98 25.41
CA PRO A 25 -10.41 -2.82 25.35
C PRO A 25 -10.42 -3.74 24.14
N ASP A 26 -11.60 -4.09 23.66
CA ASP A 26 -11.75 -4.94 22.48
C ASP A 26 -11.09 -4.32 21.24
N GLN A 27 -11.02 -2.98 21.17
CA GLN A 27 -10.29 -2.37 20.06
C GLN A 27 -8.81 -2.70 20.13
N GLN A 28 -8.25 -2.71 21.35
CA GLN A 28 -6.83 -3.03 21.53
C GLN A 28 -6.53 -4.45 21.07
N THR A 29 -7.42 -5.39 21.39
CA THR A 29 -7.27 -6.75 20.89
C THR A 29 -7.31 -6.78 19.37
N LEU A 30 -8.07 -5.86 18.75
CA LEU A 30 -8.09 -5.79 17.29
C LEU A 30 -6.95 -4.93 16.76
N LEU A 31 -6.61 -3.82 17.43
CA LEU A 31 -5.61 -2.92 16.88
C LEU A 31 -4.20 -3.52 16.97
N HIS A 32 -3.68 -3.71 18.18
CA HIS A 32 -2.29 -4.13 18.32
C HIS A 32 -2.00 -5.40 17.54
N PHE A 33 -3.00 -6.27 17.38
CA PHE A 33 -2.80 -7.45 16.55
C PHE A 33 -2.63 -7.05 15.09
N ILE A 34 -3.32 -6.00 14.63
CA ILE A 34 -3.00 -5.44 13.32
C ILE A 34 -1.60 -4.84 13.34
N MET A 35 -1.23 -4.21 14.46
CA MET A 35 0.12 -3.67 14.61
C MET A 35 1.16 -4.78 14.71
N ASP A 36 0.77 -5.96 15.21
CA ASP A 36 1.63 -7.14 15.10
C ASP A 36 2.07 -7.33 13.66
N SER A 37 1.11 -7.35 12.74
CA SER A 37 1.37 -7.71 11.35
C SER A 37 2.05 -6.61 10.57
N TYR A 38 1.86 -5.35 10.98
CA TYR A 38 2.37 -4.25 10.16
C TYR A 38 3.89 -4.14 10.18
N ASN A 39 4.55 -4.65 11.22
CA ASN A 39 6.01 -4.65 11.28
C ASN A 39 6.57 -6.07 11.31
N LYS A 40 5.77 -7.08 11.00
CA LYS A 40 6.28 -8.45 11.00
C LYS A 40 7.40 -8.62 10.00
N GLN A 41 7.31 -7.95 8.86
CA GLN A 41 8.33 -8.03 7.81
C GLN A 41 8.63 -6.64 7.28
N ARG A 42 9.91 -6.30 7.20
CA ARG A 42 10.36 -5.08 6.55
C ARG A 42 10.94 -5.45 5.19
N MET A 43 11.47 -4.46 4.48
CA MET A 43 12.05 -4.96 3.24
C MET A 43 13.44 -5.56 3.45
N PRO A 44 13.73 -6.71 2.84
CA PRO A 44 15.03 -7.36 3.02
C PRO A 44 16.18 -6.40 2.74
N GLN A 45 17.25 -6.53 3.53
CA GLN A 45 18.45 -5.75 3.27
C GLN A 45 19.04 -6.07 1.91
N GLU A 46 18.85 -7.31 1.44
CA GLU A 46 19.39 -7.71 0.14
C GLU A 46 18.82 -6.92 -1.01
N ILE A 47 17.66 -6.28 -0.82
CA ILE A 47 17.02 -5.48 -1.87
C ILE A 47 17.24 -3.99 -1.66
N THR A 48 17.19 -3.53 -0.42
CA THR A 48 17.30 -2.09 -0.18
C THR A 48 18.72 -1.58 -0.42
N ASN A 49 19.73 -2.43 -0.23
CA ASN A 49 21.09 -1.94 -0.34
C ASN A 49 21.54 -1.68 -1.77
N LYS A 50 20.80 -2.15 -2.78
CA LYS A 50 21.20 -1.82 -4.15
C LYS A 50 20.67 -0.47 -4.61
N ILE A 51 19.81 0.19 -3.81
CA ILE A 51 19.51 1.59 -4.07
C ILE A 51 20.78 2.42 -3.95
N LEU A 52 21.72 1.99 -3.11
CA LEU A 52 23.03 2.61 -2.94
C LEU A 52 24.08 2.02 -3.87
N LYS A 53 24.19 0.69 -3.89
CA LYS A 53 25.40 0.06 -4.38
C LYS A 53 25.53 0.11 -5.89
N GLU A 54 24.43 0.16 -6.63
CA GLU A 54 24.50 -0.08 -8.06
C GLU A 54 24.30 1.22 -8.85
N GLU A 55 24.85 1.20 -10.07
CA GLU A 55 24.83 2.32 -10.99
C GLU A 55 23.43 2.86 -11.20
N PHE A 56 23.34 4.17 -11.38
CA PHE A 56 22.07 4.86 -11.59
C PHE A 56 21.78 4.88 -13.08
N SER A 57 21.36 3.72 -13.57
CA SER A 57 20.91 3.53 -14.93
C SER A 57 19.39 3.51 -14.98
N ALA A 58 18.82 4.05 -16.06
CA ALA A 58 17.38 3.97 -16.25
C ALA A 58 16.92 2.52 -16.30
N GLU A 59 17.79 1.62 -16.79
CA GLU A 59 17.47 0.20 -16.78
C GLU A 59 17.44 -0.35 -15.35
N GLU A 60 18.55 -0.19 -14.62
CA GLU A 60 18.62 -0.78 -13.29
C GLU A 60 17.71 -0.07 -12.30
N ASN A 61 17.44 1.22 -12.50
CA ASN A 61 16.44 1.90 -11.68
C ASN A 61 15.12 1.15 -11.73
N PHE A 62 14.66 0.80 -12.93
CA PHE A 62 13.39 0.10 -13.08
C PHE A 62 13.44 -1.29 -12.44
N LEU A 63 14.58 -1.98 -12.58
CA LEU A 63 14.67 -3.34 -12.05
C LEU A 63 14.59 -3.35 -10.53
N ILE A 64 15.32 -2.44 -9.87
CA ILE A 64 15.25 -2.34 -8.41
C ILE A 64 13.82 -2.07 -7.96
N LEU A 65 13.15 -1.10 -8.63
CA LEU A 65 11.76 -0.82 -8.31
C LEU A 65 10.88 -2.04 -8.54
N THR A 66 11.18 -2.82 -9.58
CA THR A 66 10.46 -4.07 -9.81
C THR A 66 10.67 -5.03 -8.64
N GLU A 67 11.92 -5.17 -8.19
CA GLU A 67 12.22 -6.06 -7.07
C GLU A 67 11.46 -5.66 -5.81
N MET A 68 11.51 -4.38 -5.44
CA MET A 68 10.84 -3.94 -4.23
C MET A 68 9.33 -4.07 -4.34
N ALA A 69 8.77 -3.69 -5.50
CA ALA A 69 7.35 -3.92 -5.76
C ALA A 69 7.03 -5.40 -5.68
N THR A 70 7.86 -6.24 -6.30
CA THR A 70 7.69 -7.69 -6.17
C THR A 70 7.64 -8.09 -4.70
N ASN A 71 8.62 -7.63 -3.92
CA ASN A 71 8.69 -8.01 -2.52
C ASN A 71 7.48 -7.51 -1.75
N HIS A 72 7.04 -6.28 -2.05
CA HIS A 72 5.99 -5.67 -1.23
C HIS A 72 4.63 -6.33 -1.42
N VAL A 73 4.36 -6.86 -2.62
CA VAL A 73 3.15 -7.65 -2.81
C VAL A 73 3.13 -8.83 -1.88
N GLN A 74 4.30 -9.41 -1.59
CA GLN A 74 4.36 -10.58 -0.73
C GLN A 74 4.06 -10.23 0.73
N VAL A 75 4.65 -9.15 1.23
CA VAL A 75 4.41 -8.78 2.63
C VAL A 75 2.99 -8.29 2.83
N LEU A 76 2.37 -7.75 1.77
CA LEU A 76 0.98 -7.31 1.90
C LEU A 76 0.04 -8.50 1.98
N VAL A 77 0.23 -9.50 1.11
CA VAL A 77 -0.62 -10.69 1.13
C VAL A 77 -0.55 -11.36 2.50
N GLU A 78 0.63 -11.40 3.11
CA GLU A 78 0.75 -11.94 4.45
C GLU A 78 0.07 -11.03 5.47
N PHE A 79 0.26 -9.71 5.34
CA PHE A 79 -0.36 -8.78 6.28
C PHE A 79 -1.87 -8.85 6.20
N THR A 80 -2.42 -8.92 4.99
CA THR A 80 -3.87 -8.98 4.85
C THR A 80 -4.43 -10.33 5.28
N LYS A 81 -3.71 -11.42 4.97
CA LYS A 81 -4.14 -12.75 5.36
C LYS A 81 -4.45 -12.86 6.85
N LYS A 82 -3.90 -11.95 7.66
CA LYS A 82 -4.16 -11.98 9.09
C LYS A 82 -5.26 -11.02 9.54
N LEU A 83 -5.56 -9.99 8.75
CA LEU A 83 -6.63 -9.06 9.11
C LEU A 83 -7.88 -9.83 9.54
N PRO A 84 -8.49 -9.47 10.67
CA PRO A 84 -9.56 -10.32 11.23
C PRO A 84 -10.71 -10.46 10.27
N GLY A 85 -11.05 -11.71 9.94
CA GLY A 85 -12.14 -11.98 9.04
C GLY A 85 -11.78 -12.06 7.58
N PHE A 86 -10.51 -11.85 7.22
CA PHE A 86 -10.13 -11.92 5.82
C PHE A 86 -10.20 -13.34 5.30
N GLN A 87 -9.70 -14.31 6.07
CA GLN A 87 -9.72 -15.71 5.65
C GLN A 87 -11.13 -16.28 5.62
N THR A 88 -12.12 -15.58 6.16
CA THR A 88 -13.50 -16.04 6.16
C THR A 88 -14.28 -15.58 4.93
N LEU A 89 -13.81 -14.55 4.24
CA LEU A 89 -14.52 -14.02 3.09
C LEU A 89 -14.55 -15.03 1.95
N ASP A 90 -15.41 -14.77 0.97
CA ASP A 90 -15.38 -15.52 -0.27
C ASP A 90 -14.01 -15.39 -0.92
N HIS A 91 -13.62 -16.41 -1.69
CA HIS A 91 -12.27 -16.47 -2.21
C HIS A 91 -12.12 -15.81 -3.57
N GLU A 92 -13.18 -15.76 -4.37
CA GLU A 92 -13.13 -14.99 -5.61
C GLU A 92 -13.20 -13.50 -5.36
N ASP A 93 -13.47 -13.07 -4.13
CA ASP A 93 -13.50 -11.66 -3.78
C ASP A 93 -12.21 -11.19 -3.12
N GLN A 94 -11.51 -12.06 -2.38
CA GLN A 94 -10.25 -11.66 -1.77
C GLN A 94 -9.21 -11.31 -2.82
N ILE A 95 -9.21 -12.02 -3.96
CA ILE A 95 -8.28 -11.71 -5.04
C ILE A 95 -8.62 -10.37 -5.65
N ALA A 96 -9.91 -10.06 -5.74
CA ALA A 96 -10.33 -8.74 -6.18
C ALA A 96 -9.95 -7.66 -5.16
N LEU A 97 -9.97 -8.00 -3.87
CA LEU A 97 -9.49 -7.05 -2.85
C LEU A 97 -8.02 -6.75 -3.03
N LEU A 98 -7.20 -7.79 -3.21
CA LEU A 98 -5.76 -7.60 -3.31
C LEU A 98 -5.39 -6.90 -4.62
N LYS A 99 -5.97 -7.34 -5.73
CA LYS A 99 -5.64 -6.75 -7.03
C LYS A 99 -6.06 -5.30 -7.14
N GLY A 100 -7.02 -4.86 -6.33
CA GLY A 100 -7.50 -3.50 -6.40
C GLY A 100 -6.84 -2.56 -5.41
N SER A 101 -6.15 -3.11 -4.41
CA SER A 101 -5.55 -2.30 -3.36
C SER A 101 -4.02 -2.33 -3.34
N ALA A 102 -3.40 -3.24 -4.09
CA ALA A 102 -1.94 -3.37 -4.04
C ALA A 102 -1.25 -2.07 -4.45
N VAL A 103 -1.75 -1.42 -5.50
CA VAL A 103 -1.16 -0.15 -5.93
C VAL A 103 -1.19 0.86 -4.79
N GLU A 104 -2.33 0.94 -4.08
CA GLU A 104 -2.52 1.99 -3.10
C GLU A 104 -1.79 1.69 -1.79
N ALA A 105 -1.72 0.42 -1.39
CA ALA A 105 -1.03 0.10 -0.14
C ALA A 105 0.47 0.28 -0.28
N MET A 106 1.02 -0.03 -1.47
CA MET A 106 2.42 0.29 -1.75
C MET A 106 2.70 1.77 -1.55
N PHE A 107 1.71 2.61 -1.84
CA PHE A 107 1.88 4.04 -1.65
C PHE A 107 2.03 4.40 -0.18
N LEU A 108 1.15 3.85 0.66
CA LEU A 108 1.19 4.15 2.09
C LEU A 108 2.55 3.78 2.68
N ARG A 109 3.05 2.58 2.37
CA ARG A 109 4.33 2.16 2.93
C ARG A 109 5.48 3.03 2.42
N SER A 110 5.49 3.33 1.13
CA SER A 110 6.53 4.21 0.61
C SER A 110 6.35 5.64 1.07
N ALA A 111 5.12 6.04 1.41
CA ALA A 111 4.91 7.35 2.02
C ALA A 111 5.47 7.38 3.44
N GLU A 112 5.22 6.33 4.22
CA GLU A 112 5.79 6.24 5.56
C GLU A 112 7.31 6.25 5.52
N ILE A 113 7.90 5.73 4.45
CA ILE A 113 9.35 5.72 4.31
C ILE A 113 9.88 7.11 3.97
N PHE A 114 9.23 7.78 3.02
CA PHE A 114 9.69 9.10 2.59
C PHE A 114 9.52 10.13 3.70
N ASN A 115 8.43 10.04 4.46
CA ASN A 115 8.10 11.07 5.45
C ASN A 115 8.92 10.90 6.73
N LYS A 116 8.93 9.69 7.29
CA LYS A 116 9.78 9.43 8.44
C LYS A 116 11.25 9.42 8.07
N LYS A 117 11.57 9.35 6.77
CA LYS A 117 12.93 9.22 6.28
C LYS A 117 13.65 8.07 6.98
N LEU A 118 13.01 6.92 6.98
CA LEU A 118 13.61 5.72 7.56
C LEU A 118 14.86 5.36 6.77
N SER A 120 17.51 2.56 5.03
CA SER A 120 16.56 1.47 5.04
C SER A 120 15.69 1.65 3.81
N GLY A 121 15.23 2.84 3.61
CA GLY A 121 14.61 3.12 2.34
C GLY A 121 15.46 3.99 1.44
N HIS A 122 16.41 4.72 2.04
CA HIS A 122 17.31 5.62 1.31
C HIS A 122 16.59 6.69 0.47
N SER A 123 15.83 7.51 1.20
CA SER A 123 14.85 8.41 0.59
C SER A 123 15.36 9.17 -0.63
N ASP A 124 16.38 10.02 -0.44
CA ASP A 124 16.77 10.94 -1.49
C ASP A 124 17.39 10.22 -2.69
N LEU A 125 17.97 9.04 -2.47
CA LEU A 125 18.51 8.27 -3.59
C LEU A 125 17.44 7.43 -4.26
N LEU A 126 16.49 6.90 -3.49
CA LEU A 126 15.39 6.14 -4.08
C LEU A 126 14.53 7.03 -4.96
N GLU A 127 14.36 8.30 -4.58
CA GLU A 127 13.49 9.19 -5.32
C GLU A 127 14.03 9.46 -6.73
N GLU A 128 15.35 9.60 -6.87
CA GLU A 128 15.93 9.78 -8.21
C GLU A 128 15.76 8.53 -9.05
N ARG A 129 16.10 7.36 -8.49
CA ARG A 129 15.86 6.12 -9.23
C ARG A 129 14.42 6.03 -9.71
N ILE A 130 13.48 6.62 -8.96
CA ILE A 130 12.11 6.71 -9.45
C ILE A 130 11.99 7.77 -10.54
N ARG A 131 12.72 8.88 -10.42
CA ARG A 131 12.59 10.00 -11.34
C ARG A 131 13.21 9.73 -12.71
N ASN A 132 14.00 8.66 -12.87
CA ASN A 132 14.52 8.25 -14.17
C ASN A 132 14.27 6.74 -14.31
N SER A 133 13.01 6.39 -14.47
CA SER A 133 12.60 5.01 -14.74
C SER A 133 11.65 4.95 -15.93
N GLY A 134 11.65 5.97 -16.78
CA GLY A 134 10.73 6.03 -17.89
C GLY A 134 9.34 6.51 -17.54
N ILE A 135 9.14 7.05 -16.34
CA ILE A 135 7.82 7.53 -15.93
C ILE A 135 7.56 8.88 -16.58
N SER A 136 6.35 9.05 -17.12
CA SER A 136 5.97 10.33 -17.69
C SER A 136 5.99 11.42 -16.62
N ASP A 137 6.36 12.63 -17.04
CA ASP A 137 6.47 13.73 -16.09
C ASP A 137 5.11 14.14 -15.52
N GLU A 138 4.03 13.88 -16.26
CA GLU A 138 2.70 14.18 -15.75
C GLU A 138 2.27 13.24 -14.62
N TYR A 139 3.01 12.16 -14.39
CA TYR A 139 2.73 11.26 -13.27
C TYR A 139 3.72 11.42 -12.11
N ILE A 140 4.91 11.94 -12.38
CA ILE A 140 5.89 12.14 -11.32
C ILE A 140 5.53 13.35 -10.47
N THR A 141 4.97 14.39 -11.07
CA THR A 141 4.62 15.60 -10.31
C THR A 141 3.54 15.35 -9.28
N PRO A 142 2.36 14.81 -9.61
CA PRO A 142 1.34 14.58 -8.57
C PRO A 142 1.73 13.48 -7.60
N MET A 143 2.69 12.64 -7.95
CA MET A 143 3.13 11.59 -7.04
C MET A 143 3.84 12.17 -5.82
N PHE A 144 4.84 13.03 -6.05
CA PHE A 144 5.60 13.59 -4.95
C PHE A 144 4.86 14.71 -4.23
N SER A 145 3.96 15.41 -4.92
CA SER A 145 3.06 16.33 -4.23
C SER A 145 2.26 15.57 -3.18
N PHE A 146 1.84 14.35 -3.49
CA PHE A 146 1.22 13.49 -2.49
C PHE A 146 2.20 13.16 -1.37
N TYR A 147 3.42 12.75 -1.72
CA TYR A 147 4.42 12.40 -0.73
C TYR A 147 4.68 13.55 0.24
N LYS A 148 4.84 14.77 -0.28
CA LYS A 148 5.04 15.91 0.60
C LYS A 148 3.79 16.20 1.41
N SER A 149 2.61 16.14 0.79
CA SER A 149 1.39 16.50 1.49
C SER A 149 1.08 15.56 2.64
N ILE A 150 1.28 14.25 2.44
CA ILE A 150 1.00 13.29 3.50
C ILE A 150 2.10 13.26 4.55
N GLY A 151 3.23 13.93 4.27
CA GLY A 151 4.27 14.10 5.26
C GLY A 151 3.93 15.11 6.33
N GLU A 152 3.36 16.24 5.93
CA GLU A 152 3.00 17.28 6.88
C GLU A 152 1.91 16.83 7.84
N LEU A 153 1.20 15.75 7.54
CA LEU A 153 0.20 15.23 8.44
C LEU A 153 0.79 14.67 9.72
N LYS A 154 2.12 14.50 9.78
CA LYS A 154 2.82 14.01 10.96
C LYS A 154 2.17 12.74 11.50
N MET A 155 1.88 11.81 10.58
CA MET A 155 1.13 10.61 10.94
C MET A 155 1.99 9.63 11.72
N THR A 156 1.37 8.96 12.69
CA THR A 156 2.02 7.94 13.48
C THR A 156 1.92 6.59 12.77
N GLN A 157 2.65 5.61 13.32
CA GLN A 157 2.71 4.29 12.69
C GLN A 157 1.35 3.60 12.69
N GLU A 158 0.59 3.73 13.79
CA GLU A 158 -0.72 3.11 13.87
C GLU A 158 -1.68 3.69 12.83
N GLU A 159 -1.52 4.97 12.49
CA GLU A 159 -2.36 5.56 11.45
C GLU A 159 -2.00 5.01 10.08
N TYR A 160 -0.71 4.83 9.81
CA TYR A 160 -0.29 4.19 8.56
C TYR A 160 -0.80 2.75 8.48
N ALA A 161 -0.80 2.04 9.61
CA ALA A 161 -1.19 0.63 9.62
C ALA A 161 -2.69 0.48 9.38
N LEU A 162 -3.51 1.27 10.07
CA LEU A 162 -4.96 1.18 9.89
C LEU A 162 -5.36 1.59 8.48
N LEU A 163 -4.92 2.78 8.05
CA LEU A 163 -5.22 3.27 6.70
C LEU A 163 -4.93 2.20 5.65
N THR A 164 -3.86 1.42 5.85
CA THR A 164 -3.58 0.31 4.95
C THR A 164 -4.66 -0.75 5.03
N ALA A 165 -5.04 -1.15 6.25
CA ALA A 165 -6.10 -2.14 6.41
C ALA A 165 -7.40 -1.67 5.78
N ILE A 166 -7.75 -0.39 6.00
CA ILE A 166 -9.01 0.12 5.44
C ILE A 166 -8.96 0.14 3.93
N VAL A 167 -7.80 0.49 3.36
CA VAL A 167 -7.68 0.54 1.90
C VAL A 167 -7.85 -0.85 1.29
N ILE A 168 -7.19 -1.85 1.89
CA ILE A 168 -7.29 -3.20 1.35
C ILE A 168 -8.71 -3.74 1.49
N LEU A 169 -9.37 -3.44 2.59
CA LEU A 169 -10.73 -3.92 2.82
C LEU A 169 -11.58 -2.74 2.38
N SER A 170 -11.76 -2.62 1.07
CA SER A 170 -12.57 -1.55 0.50
C SER A 170 -13.72 -2.28 -0.18
N PRO A 171 -14.97 -2.09 0.26
CA PRO A 171 -16.09 -2.78 -0.40
C PRO A 171 -16.41 -2.25 -1.79
N ASP A 172 -15.84 -1.10 -2.16
CA ASP A 172 -16.18 -0.43 -3.41
C ASP A 172 -15.35 -0.89 -4.59
N ARG A 173 -14.51 -1.91 -4.41
CA ARG A 173 -13.60 -2.32 -5.47
C ARG A 173 -14.34 -3.02 -6.60
N GLN A 174 -13.67 -3.09 -7.75
CA GLN A 174 -14.28 -3.65 -8.96
C GLN A 174 -14.33 -5.17 -8.88
N TYR A 175 -15.42 -5.73 -9.44
CA TYR A 175 -15.65 -7.17 -9.51
C TYR A 175 -15.80 -7.80 -8.12
N ILE A 176 -16.30 -7.03 -7.17
CA ILE A 176 -16.71 -7.58 -5.88
C ILE A 176 -18.16 -8.00 -5.98
N LYS A 177 -18.48 -9.16 -5.39
CA LYS A 177 -19.83 -9.70 -5.39
C LYS A 177 -20.56 -9.47 -4.08
N ASP A 178 -19.92 -9.81 -2.97
CA ASP A 178 -20.50 -9.66 -1.63
C ASP A 178 -19.83 -8.39 -1.09
N ARG A 179 -20.42 -7.24 -1.45
CA ARG A 179 -19.83 -5.96 -1.10
C ARG A 179 -20.14 -5.67 0.36
N GLU A 180 -21.28 -6.18 0.86
CA GLU A 180 -21.63 -5.95 2.25
C GLU A 180 -20.71 -6.70 3.21
N ALA A 181 -20.19 -7.86 2.78
CA ALA A 181 -19.29 -8.63 3.65
C ALA A 181 -18.04 -7.85 3.98
N VAL A 182 -17.50 -7.11 3.01
CA VAL A 182 -16.30 -6.30 3.26
C VAL A 182 -16.62 -5.17 4.22
N GLU A 183 -17.82 -4.59 4.13
CA GLU A 183 -18.18 -3.49 5.01
C GLU A 183 -18.21 -3.95 6.47
N LYS A 184 -18.64 -5.19 6.71
CA LYS A 184 -18.71 -5.70 8.08
C LYS A 184 -17.34 -5.82 8.72
N LEU A 185 -16.27 -5.85 7.94
CA LEU A 185 -14.92 -5.89 8.48
C LEU A 185 -14.16 -4.57 8.32
N GLN A 186 -14.57 -3.72 7.38
CA GLN A 186 -13.98 -2.40 7.28
C GLN A 186 -14.56 -1.43 8.30
N GLU A 187 -15.82 -1.62 8.69
CA GLU A 187 -16.46 -0.71 9.63
C GLU A 187 -15.78 -0.68 11.00
N PRO A 188 -15.43 -1.82 11.62
CA PRO A 188 -14.75 -1.73 12.92
C PRO A 188 -13.44 -0.95 12.86
N LEU A 189 -12.60 -1.24 11.85
CA LEU A 189 -11.32 -0.57 11.75
C LEU A 189 -11.47 0.93 11.52
N LEU A 190 -12.54 1.35 10.85
CA LEU A 190 -12.81 2.78 10.69
C LEU A 190 -13.13 3.43 12.03
N ASP A 191 -13.95 2.76 12.86
CA ASP A 191 -14.30 3.31 14.16
C ASP A 191 -13.10 3.38 15.09
N VAL A 192 -12.24 2.36 15.06
CA VAL A 192 -11.04 2.37 15.89
C VAL A 192 -10.15 3.55 15.53
N LEU A 193 -10.08 3.89 14.25
CA LEU A 193 -9.18 4.96 13.81
C LEU A 193 -9.72 6.33 14.22
N GLN A 194 -11.02 6.57 14.06
CA GLN A 194 -11.58 7.84 14.53
C GLN A 194 -11.54 7.92 16.05
N LYS A 195 -11.66 6.79 16.73
CA LYS A 195 -11.45 6.76 18.17
C LYS A 195 -9.98 6.92 18.53
N LEU A 196 -9.08 6.95 17.56
CA LEU A 196 -7.67 7.26 17.79
C LEU A 196 -7.32 8.71 17.52
N CYS A 197 -7.99 9.33 16.55
CA CYS A 197 -7.97 10.79 16.44
C CYS A 197 -8.72 11.44 17.59
N LYS A 198 -9.31 10.65 18.47
CA LYS A 198 -9.87 11.18 19.70
C LYS A 198 -8.79 11.46 20.73
N ILE A 199 -7.86 10.53 20.91
CA ILE A 199 -6.84 10.66 21.97
C ILE A 199 -5.72 11.61 21.52
N HIS A 200 -5.00 11.23 20.46
CA HIS A 200 -3.73 11.88 20.14
C HIS A 200 -3.91 13.29 19.63
N GLN A 201 -5.09 13.64 19.17
CA GLN A 201 -5.43 15.01 18.79
C GLN A 201 -6.88 15.25 19.23
N PRO A 202 -7.08 15.90 20.37
CA PRO A 202 -8.41 16.43 20.68
C PRO A 202 -8.59 17.87 20.25
N GLU A 203 -7.54 18.51 19.74
CA GLU A 203 -7.61 19.93 19.42
C GLU A 203 -8.38 20.19 18.13
N ASN A 204 -8.29 19.30 17.14
CA ASN A 204 -8.91 19.51 15.84
C ASN A 204 -9.70 18.28 15.37
N PRO A 205 -11.00 18.21 15.61
CA PRO A 205 -11.75 16.99 15.23
C PRO A 205 -11.68 16.64 13.75
N GLN A 206 -11.12 17.49 12.89
CA GLN A 206 -11.08 17.25 11.44
C GLN A 206 -9.95 16.32 11.01
N HIS A 207 -9.07 15.90 11.92
CA HIS A 207 -7.93 15.06 11.55
C HIS A 207 -8.38 13.70 11.02
N PHE A 208 -9.46 13.14 11.58
CA PHE A 208 -9.99 11.90 11.06
C PHE A 208 -10.46 12.08 9.62
N ALA A 209 -11.13 13.19 9.32
CA ALA A 209 -11.54 13.47 7.95
C ALA A 209 -10.36 13.83 7.05
N CYS A 210 -9.21 14.18 7.62
CA CYS A 210 -8.05 14.48 6.79
C CYS A 210 -7.31 13.22 6.38
N LEU A 211 -7.27 12.20 7.25
CA LEU A 211 -6.70 10.91 6.87
C LEU A 211 -7.58 10.20 5.84
N LEU A 212 -8.91 10.34 5.97
CA LEU A 212 -9.80 9.68 5.02
C LEU A 212 -9.74 10.31 3.64
N GLY A 213 -9.37 11.59 3.55
CA GLY A 213 -9.14 12.19 2.25
C GLY A 213 -8.04 11.50 1.47
N ARG A 214 -7.04 10.97 2.18
CA ARG A 214 -5.91 10.31 1.52
C ARG A 214 -6.36 9.09 0.72
N LEU A 215 -7.40 8.40 1.19
CA LEU A 215 -7.86 7.21 0.50
C LEU A 215 -8.49 7.56 -0.84
N THR A 216 -9.07 8.75 -0.94
CA THR A 216 -9.53 9.23 -2.24
C THR A 216 -8.36 9.71 -3.10
N GLU A 217 -7.36 10.33 -2.46
CA GLU A 217 -6.12 10.65 -3.18
C GLU A 217 -5.53 9.42 -3.82
N LEU A 218 -5.49 8.31 -3.10
CA LEU A 218 -4.91 7.08 -3.63
C LEU A 218 -5.71 6.53 -4.80
N ARG A 219 -7.04 6.67 -4.75
CA ARG A 219 -7.88 6.25 -5.87
C ARG A 219 -7.51 7.00 -7.15
N THR A 220 -7.18 8.29 -7.03
CA THR A 220 -6.79 9.07 -8.20
C THR A 220 -5.52 8.53 -8.82
N PHE A 221 -4.65 8.01 -8.00
CA PHE A 221 -3.40 7.47 -8.42
C PHE A 221 -3.58 6.13 -9.08
N ASN A 222 -4.48 5.34 -8.60
CA ASN A 222 -4.80 4.05 -9.20
C ASN A 222 -5.28 4.22 -10.64
N HIS A 223 -5.94 5.33 -10.94
CA HIS A 223 -6.31 5.63 -12.32
C HIS A 223 -5.09 5.88 -13.18
N HIS A 224 -4.17 6.72 -12.70
CA HIS A 224 -2.98 7.06 -13.48
C HIS A 224 -2.00 5.88 -13.54
N HIS A 225 -2.03 5.00 -12.54
CA HIS A 225 -1.06 3.90 -12.50
C HIS A 225 -1.30 2.91 -13.63
N ALA A 226 -2.55 2.66 -13.98
CA ALA A 226 -2.84 1.81 -15.14
C ALA A 226 -2.21 2.38 -16.39
N GLU A 227 -2.06 3.70 -16.47
CA GLU A 227 -1.45 4.33 -17.63
C GLU A 227 0.07 4.15 -17.62
N MET A 228 0.70 4.35 -16.47
CA MET A 228 2.15 4.13 -16.37
C MET A 228 2.53 2.71 -16.76
N LEU A 229 1.69 1.73 -16.38
CA LEU A 229 2.00 0.34 -16.66
C LEU A 229 2.00 0.07 -18.16
N MET A 230 0.95 0.51 -18.86
CA MET A 230 0.88 0.29 -20.30
C MET A 230 1.97 1.07 -21.04
N SER A 231 2.36 2.24 -20.51
CA SER A 231 3.49 2.96 -21.10
C SER A 231 4.79 2.20 -20.91
N TRP A 232 4.93 1.46 -19.81
CA TRP A 232 6.17 0.75 -19.53
C TRP A 232 6.36 -0.45 -20.44
N ARG A 233 5.30 -1.24 -20.64
CA ARG A 233 5.42 -2.45 -21.45
C ARG A 233 5.40 -2.16 -22.94
N VAL A 234 4.83 -1.01 -23.34
CA VAL A 234 5.07 -0.51 -24.68
C VAL A 234 6.56 -0.43 -24.97
N ASN A 235 7.38 -0.13 -23.95
CA ASN A 235 8.81 0.12 -24.11
C ASN A 235 9.67 -1.08 -23.69
N ASP A 236 9.12 -2.29 -23.75
CA ASP A 236 9.76 -3.49 -23.23
C ASP A 236 10.30 -3.45 -21.81
N HIS A 237 9.41 -3.23 -20.86
CA HIS A 237 9.72 -3.44 -19.44
C HIS A 237 9.03 -4.68 -18.90
N LYS A 238 9.80 -5.77 -18.78
CA LYS A 238 9.27 -7.00 -18.25
C LYS A 238 9.09 -6.88 -16.74
N PHE A 239 7.97 -7.39 -16.25
CA PHE A 239 7.72 -7.46 -14.83
C PHE A 239 7.95 -8.88 -14.35
N THR A 240 7.86 -9.06 -13.04
CA THR A 240 7.88 -10.39 -12.47
C THR A 240 6.55 -11.08 -12.73
N PRO A 241 6.51 -12.41 -12.68
CA PRO A 241 5.23 -13.11 -12.91
C PRO A 241 4.14 -12.68 -11.94
N LEU A 242 4.49 -12.31 -10.72
CA LEU A 242 3.48 -11.99 -9.71
C LEU A 242 2.87 -10.61 -9.91
N LEU A 243 3.69 -9.61 -10.24
CA LEU A 243 3.14 -8.31 -10.59
C LEU A 243 2.24 -8.42 -11.81
N CYS A 244 2.62 -9.25 -12.78
CA CYS A 244 1.76 -9.51 -13.92
C CYS A 244 0.41 -10.04 -13.50
N GLU A 245 0.38 -10.95 -12.51
CA GLU A 245 -0.89 -11.51 -12.08
C GLU A 245 -1.73 -10.50 -11.29
N ILE A 246 -1.08 -9.67 -10.48
CA ILE A 246 -1.83 -8.71 -9.67
C ILE A 246 -2.21 -7.46 -10.44
N TRP A 247 -1.61 -7.23 -11.62
CA TRP A 247 -2.00 -6.13 -12.48
C TRP A 247 -2.44 -6.58 -13.87
N ASP A 248 -2.56 -7.89 -14.09
CA ASP A 248 -3.06 -8.47 -15.34
C ASP A 248 -2.15 -8.22 -16.54
N GLU B 2 -5.22 -18.02 -14.04
CA GLU B 2 -6.34 -17.49 -13.29
C GLU B 2 -6.02 -17.24 -11.82
N ASN B 3 -5.09 -16.39 -11.46
CA ASN B 3 -4.94 -16.19 -10.04
C ASN B 3 -4.29 -17.30 -9.36
N ALA B 4 -3.47 -17.91 -10.15
CA ALA B 4 -2.64 -19.04 -9.76
C ALA B 4 -1.70 -18.68 -8.61
N LEU B 5 -0.93 -17.60 -8.78
CA LEU B 5 0.10 -17.24 -7.84
C LEU B 5 -0.44 -16.51 -6.61
N LEU B 6 -1.50 -15.74 -6.77
CA LEU B 6 -2.14 -15.10 -5.63
C LEU B 6 -2.72 -16.14 -4.68
N ARG B 7 -3.41 -17.14 -5.23
CA ARG B 7 -4.01 -18.19 -4.39
C ARG B 7 -2.93 -19.00 -3.67
N TYR B 8 -1.75 -19.11 -4.24
CA TYR B 8 -0.69 -19.90 -3.61
C TYR B 8 -0.14 -19.21 -2.38
N LEU B 9 0.05 -17.89 -2.44
CA LEU B 9 0.55 -17.15 -1.29
C LEU B 9 -0.51 -16.94 -0.22
N LEU B 10 -1.79 -16.98 -0.59
CA LEU B 10 -2.85 -16.88 0.42
C LEU B 10 -3.04 -18.18 1.19
N ASP B 11 -2.34 -19.24 0.81
CA ASP B 11 -2.44 -20.53 1.49
C ASP B 11 -1.12 -20.99 2.08
N LYS B 12 -0.09 -20.16 2.06
CA LYS B 12 1.21 -20.54 2.59
C LYS B 12 1.29 -20.27 4.10
CAA GWF C . 10.49 -0.36 2.55
CAB GWF C . 11.46 0.44 2.01
CAC GWF C . 11.24 1.03 0.76
CAD GWF C . 10.10 0.80 0.11
CAE GWF C . 9.14 0.01 0.64
CAF GWF C . 9.32 -0.57 1.83
CAG GWF C . 10.69 -0.96 3.79
CAL GWF C . 8.55 0.92 -1.53
CAO GWF C . 7.29 2.82 -4.30
CAP GWF C . 6.12 1.91 -3.94
CAQ GWF C . 6.74 0.72 -3.22
CAR GWF C . 7.11 -0.41 -4.18
CAS GWF C . 8.01 0.09 -5.34
CAT GWF C . 9.08 1.11 -4.85
CAU GWF C . 8.52 2.07 -3.79
CAW GWF C . 7.79 0.30 -7.70
CAX GWF C . 6.74 0.25 -8.83
CAY GWF C . 6.90 -0.45 -9.95
CBB GWF C . 5.56 0.86 -8.90
CBC GWF C . 8.08 -1.29 -10.31
CBD GWF C . 8.53 -1.15 -11.75
CBE GWF C . 7.75 -2.39 -11.32
CBF GWF C . 4.98 1.66 -8.02
CBG GWF C . 5.55 2.86 -7.60
CBH GWF C . 4.89 3.67 -6.68
CBI GWF C . 3.65 3.30 -6.19
CBJ GWF C . 3.07 2.11 -6.61
CBK GWF C . 3.73 1.30 -7.52
CBM GWF C . 6.76 4.38 -8.87
FAJ GWF C . 12.17 1.82 0.21
FBN GWF C . 5.68 4.44 -9.62
FBO GWF C . 7.82 4.41 -9.64
FBP GWF C . 6.79 5.43 -8.05
NAK GWF C . 9.75 1.30 -1.10
NAN GWF C . 7.99 1.27 -2.68
NBA GWF C . 4.97 0.55 -10.05
OAH GWF C . 11.73 -0.72 4.43
OAI GWF C . 9.84 -1.76 4.26
OAV GWF C . 7.19 0.61 -6.43
OAZ GWF C . 5.83 -0.30 -10.73
OBL GWF C . 6.77 3.17 -8.13
SAM GWF C . 7.88 -0.05 -0.43
#